data_8S2B
#
_entry.id   8S2B
#
loop_
_entity.id
_entity.type
_entity.pdbx_description
1 polymer 'Putisolvin I'
2 non-polymer 'HEXANOIC ACID'
#
_entity_poly.entity_id   1
_entity_poly.type   'polypeptide(D)'
_entity_poly.pdbx_seq_one_letter_code
;L(DGL)(DLE)L(DGN)(DSN)(DVA)(DLE)(DSN)LVS
;
_entity_poly.pdbx_strand_id   A
#
loop_
_chem_comp.id
_chem_comp.type
_chem_comp.name
_chem_comp.formula
6NA non-polymer 'HEXANOIC ACID' 'C6 H12 O2'
#
# COMPACT_ATOMS: atom_id res chain seq x y z
N LEU A 1 0.28 8.04 3.61
CA LEU A 1 -0.41 6.83 4.18
C LEU A 1 0.38 5.47 3.86
N DGL A 2 1.74 5.45 3.96
CA DGL A 2 2.51 4.22 3.83
C DGL A 2 2.69 3.83 2.27
O DGL A 2 2.98 2.70 1.87
CB DGL A 2 3.92 4.50 4.49
CG DGL A 2 4.74 3.21 4.85
CD DGL A 2 4.03 2.35 5.88
OE1 DGL A 2 3.79 1.15 5.55
OE2 DGL A 2 3.90 2.76 7.07
H DGL A 2 2.27 6.25 4.29
HA DGL A 2 2.02 3.42 4.36
HB2 DGL A 2 3.69 5.10 5.37
HB3 DGL A 2 4.44 5.14 3.79
HG2 DGL A 2 5.71 3.40 5.32
HG3 DGL A 2 4.99 2.60 3.98
N DLE A 3 2.49 4.81 1.37
CA DLE A 3 2.29 4.45 -0.08
CB DLE A 3 2.57 5.66 -1.01
CG DLE A 3 2.13 5.46 -2.50
CD1 DLE A 3 2.24 6.80 -3.15
CD2 DLE A 3 2.90 4.41 -3.37
C DLE A 3 0.80 3.90 -0.32
O DLE A 3 0.62 2.86 -0.96
H DLE A 3 2.03 5.60 1.79
HA DLE A 3 2.98 3.68 -0.43
HB2 DLE A 3 3.65 5.83 -0.94
HB3 DLE A 3 1.96 6.50 -0.69
HG DLE A 3 1.08 5.18 -2.50
HD11 DLE A 3 1.63 7.59 -2.70
HD12 DLE A 3 1.92 6.68 -4.20
HD13 DLE A 3 3.25 7.23 -3.16
HD21 DLE A 3 2.63 3.36 -3.19
HD22 DLE A 3 3.98 4.56 -3.31
HD23 DLE A 3 2.76 4.54 -4.45
N LEU A 4 -0.18 4.55 0.34
CA LEU A 4 -1.58 4.13 0.39
C LEU A 4 -1.77 2.64 0.86
N DGN A 5 -1.03 2.24 1.92
CA DGN A 5 -1.05 0.89 2.43
C DGN A 5 -0.28 -0.14 1.58
O DGN A 5 -0.61 -1.30 1.55
CB DGN A 5 -0.43 0.86 3.86
CG DGN A 5 -0.31 -0.56 4.50
CD DGN A 5 -1.64 -1.16 4.74
OE1 DGN A 5 -1.91 -2.21 4.20
NE2 DGN A 5 -2.49 -0.55 5.58
H DGN A 5 -0.43 2.90 2.42
HA DGN A 5 -2.10 0.60 2.50
HB2 DGN A 5 -1.04 1.43 4.56
HB3 DGN A 5 0.52 1.38 3.72
HG2 DGN A 5 0.23 -0.41 5.43
HG3 DGN A 5 0.16 -1.13 3.70
HE21 DGN A 5 -2.22 0.23 6.16
HE22 DGN A 5 -3.39 -1.03 5.64
N DSN A 6 0.74 0.32 0.83
CA DSN A 6 1.41 -0.46 -0.21
C DSN A 6 0.40 -0.92 -1.21
O DSN A 6 0.34 -2.09 -1.53
CB DSN A 6 2.56 0.34 -0.87
OG DSN A 6 3.54 -0.49 -1.48
H DSN A 6 0.79 1.33 0.80
HA DSN A 6 1.86 -1.35 0.22
HB2 DSN A 6 3.06 0.95 -0.12
HB3 DSN A 6 2.19 1.05 -1.62
HG DSN A 6 4.12 -0.98 -0.87
N DVA A 7 -0.46 -0.01 -1.73
CA DVA A 7 -1.51 -0.27 -2.70
CB DVA A 7 -2.06 1.01 -3.34
CG1 DVA A 7 -0.99 1.78 -4.03
CG2 DVA A 7 -3.21 0.67 -4.29
C DVA A 7 -2.57 -1.17 -2.15
O DVA A 7 -2.90 -2.15 -2.79
H DVA A 7 -0.31 0.94 -1.40
HA DVA A 7 -0.93 -0.87 -3.40
HB DVA A 7 -2.34 1.57 -2.45
HG11 DVA A 7 -0.55 1.17 -4.82
HG12 DVA A 7 -0.21 2.04 -3.31
HG13 DVA A 7 -1.40 2.66 -4.54
HG21 DVA A 7 -2.82 0.31 -5.26
HG22 DVA A 7 -3.74 1.58 -4.61
HG23 DVA A 7 -3.99 0.03 -3.88
N DLE A 8 -3.02 -0.87 -0.96
CA DLE A 8 -3.90 -1.67 -0.17
CB DLE A 8 -4.16 -0.90 1.16
CG DLE A 8 -5.37 -1.39 2.07
CD1 DLE A 8 -5.62 -0.50 3.27
CD2 DLE A 8 -6.75 -1.50 1.36
C DLE A 8 -3.47 -3.09 0.07
O DLE A 8 -4.31 -3.99 0.06
H DLE A 8 -2.59 -0.07 -0.52
HA DLE A 8 -4.87 -1.74 -0.65
HB2 DLE A 8 -3.23 -0.94 1.71
HB3 DLE A 8 -4.42 0.15 0.99
HG DLE A 8 -5.08 -2.38 2.43
HD11 DLE A 8 -6.06 0.48 3.03
HD12 DLE A 8 -4.67 -0.34 3.79
HD13 DLE A 8 -6.22 -1.02 4.04
HD21 DLE A 8 -6.97 -0.64 0.72
HD22 DLE A 8 -7.62 -1.67 2.01
HD23 DLE A 8 -6.78 -2.35 0.67
N DSN A 9 -2.15 -3.35 0.18
CA DSN A 9 -1.49 -4.76 0.24
C DSN A 9 -1.16 -5.33 -1.17
O DSN A 9 -0.45 -6.29 -1.21
CB DSN A 9 -0.31 -4.69 1.20
OG DSN A 9 0.85 -4.33 0.39
H DSN A 9 -1.55 -2.56 0.36
HA DSN A 9 -2.21 -5.46 0.66
HB2 DSN A 9 -0.42 -4.09 2.13
HB3 DSN A 9 -0.15 -5.74 1.45
N LEU A 10 -1.57 -4.78 -2.27
CA LEU A 10 -1.22 -5.31 -3.66
C LEU A 10 0.26 -5.26 -4.07
N VAL A 11 0.91 -4.17 -3.67
CA VAL A 11 2.34 -3.88 -3.99
C VAL A 11 3.23 -4.30 -2.74
N SER A 12 2.73 -3.95 -1.55
CA SER A 12 3.17 -4.48 -0.23
C SER A 12 2.10 -4.51 0.85
CA 6NA B . 1.14 9.46 1.75
C 6NA B . 0.61 8.12 2.30
O 6NA B . 0.50 7.19 1.43
CB 6NA B . 1.79 9.55 0.31
CG 6NA B . 2.00 10.98 -0.13
CD 6NA B . 2.62 11.08 -1.52
C6 6NA B . 3.92 10.42 -1.72
HAC1 6NA B . 1.77 9.77 2.59
HAC2 6NA B . 0.25 10.10 1.80
HBC1 6NA B . 1.12 9.20 -0.48
HBC2 6NA B . 2.77 9.06 0.32
HGC1 6NA B . 2.52 11.56 0.63
HGC2 6NA B . 1.05 11.49 -0.27
HDC1 6NA B . 2.77 12.14 -1.72
HDC2 6NA B . 1.95 10.72 -2.33
H6C1 6NA B . 4.42 10.86 -2.59
H6C2 6NA B . 4.00 9.33 -1.70
H6C3 6NA B . 4.62 10.84 -0.97
N LEU A 1 1.28 8.20 3.26
CA LEU A 1 0.33 7.31 3.90
C LEU A 1 0.85 5.88 3.82
N DGL A 2 2.11 5.68 4.12
CA DGL A 2 2.67 4.33 4.07
C DGL A 2 2.56 3.77 2.65
O DGL A 2 2.53 2.58 2.44
CB DGL A 2 4.14 4.39 4.49
CG DGL A 2 4.72 2.97 4.57
CD DGL A 2 6.24 3.02 4.43
OE1 DGL A 2 6.72 2.85 3.32
OE2 DGL A 2 6.90 3.23 5.44
H DGL A 2 2.68 6.43 4.38
HA DGL A 2 2.13 3.69 4.76
HB2 DGL A 2 4.70 4.96 3.77
HB3 DGL A 2 4.22 4.86 5.46
HG2 DGL A 2 4.45 2.53 5.52
HG3 DGL A 2 4.30 2.38 3.77
N DLE A 3 2.51 4.63 1.67
CA DLE A 3 2.39 4.16 0.29
CB DLE A 3 2.81 5.28 -0.68
CG DLE A 3 4.33 5.32 -0.82
CD1 DLE A 3 4.82 4.07 -1.57
CD2 DLE A 3 4.74 6.58 -1.58
C DLE A 3 0.94 3.75 0.01
O DLE A 3 0.69 2.89 -0.82
H DLE A 3 2.53 5.60 1.86
HA DLE A 3 3.04 3.31 0.15
HB2 DLE A 3 2.37 5.08 -1.66
HB3 DLE A 3 2.45 6.23 -0.32
HG DLE A 3 4.78 5.33 0.17
HD11 DLE A 3 4.05 3.31 -1.54
HD12 DLE A 3 5.71 3.70 -1.12
HD13 DLE A 3 5.02 4.34 -2.60
HD21 DLE A 3 5.75 6.86 -1.30
HD22 DLE A 3 4.06 7.38 -1.34
HD23 DLE A 3 4.71 6.37 -2.63
N LEU A 4 0.01 4.33 0.70
CA LEU A 4 -1.39 3.99 0.50
C LEU A 4 -1.61 2.53 0.93
N DGN A 5 -1.30 2.21 2.16
CA DGN A 5 -1.49 0.85 2.64
C DGN A 5 -0.79 -0.14 1.70
O DGN A 5 -1.17 -1.28 1.59
CB DGN A 5 -0.93 0.73 4.07
CG DGN A 5 0.58 0.42 4.03
CD DGN A 5 1.26 0.96 5.30
OE1 DGN A 5 2.19 0.36 5.80
NE2 DGN A 5 0.84 2.07 5.85
H DGN A 5 -0.94 2.89 2.76
HA DGN A 5 -2.55 0.63 2.66
HB2 DGN A 5 -1.09 1.66 4.59
HB3 DGN A 5 -1.44 -0.07 4.58
HG2 DGN A 5 0.72 -0.65 3.99
HG3 DGN A 5 1.03 0.87 3.16
HE21 DGN A 5 0.09 2.58 5.46
HE22 DGN A 5 1.28 2.42 6.65
N DSN A 6 0.25 0.29 1.03
CA DSN A 6 0.96 -0.60 0.14
C DSN A 6 0.05 -0.96 -1.06
O DSN A 6 0.18 -2.01 -1.64
CB DSN A 6 2.23 0.08 -0.40
OG DSN A 6 3.20 0.12 0.65
H DSN A 6 0.55 1.22 1.14
HA DSN A 6 1.22 -1.50 0.66
HB2 DSN A 6 2.62 -0.47 -1.23
HB3 DSN A 6 1.98 1.09 -0.72
HG DSN A 6 3.55 1.01 0.69
N DVA A 7 -0.87 -0.10 -1.39
CA DVA A 7 -1.75 -0.38 -2.51
CB DVA A 7 -2.48 0.91 -2.93
CG1 DVA A 7 -1.45 1.94 -3.41
CG2 DVA A 7 -3.45 0.60 -4.07
C DVA A 7 -2.78 -1.43 -2.08
O DVA A 7 -3.09 -2.34 -2.84
H DVA A 7 -0.95 0.75 -0.90
HA DVA A 7 -1.17 -0.75 -3.34
HB DVA A 7 -3.03 1.30 -2.08
HG11 DVA A 7 -0.54 1.82 -2.85
HG12 DVA A 7 -1.85 2.93 -3.24
HG13 DVA A 7 -1.26 1.79 -4.46
HG21 DVA A 7 -2.92 0.17 -4.89
HG22 DVA A 7 -3.94 1.51 -4.38
HG23 DVA A 7 -4.20 -0.10 -3.73
N DLE A 8 -3.29 -1.33 -0.89
CA DLE A 8 -4.27 -2.31 -0.43
CB DLE A 8 -4.87 -1.89 0.92
CG DLE A 8 -5.46 -0.48 0.81
CD1 DLE A 8 -6.98 -0.55 0.97
CD2 DLE A 8 -4.89 0.43 1.90
C DLE A 8 -3.60 -3.67 -0.27
O DLE A 8 -4.26 -4.69 -0.22
H DLE A 8 -3.01 -0.60 -0.30
HA DLE A 8 -5.06 -2.39 -1.16
HB2 DLE A 8 -4.10 -1.89 1.69
HB3 DLE A 8 -5.64 -2.58 1.20
HG DLE A 8 -5.23 -0.06 -0.16
HD11 DLE A 8 -7.35 0.37 1.41
HD12 DLE A 8 -7.24 -1.38 1.60
HD13 DLE A 8 -7.44 -0.69 0.00
HD21 DLE A 8 -5.66 1.07 2.29
HD22 DLE A 8 -4.09 1.03 1.49
HD23 DLE A 8 -4.49 -0.19 2.70
N DSN A 9 -2.29 -3.72 -0.19
CA DSN A 9 -1.61 -4.99 -0.05
C DSN A 9 -1.28 -5.58 -1.43
O DSN A 9 -0.86 -6.71 -1.55
CB DSN A 9 -0.32 -4.81 0.76
OG DSN A 9 0.73 -4.40 -0.11
H DSN A 9 -1.77 -2.90 -0.24
HA DSN A 9 -2.26 -5.68 0.47
HB2 DSN A 9 -0.05 -5.76 1.23
HB3 DSN A 9 -0.48 -4.06 1.52
N LEU A 10 -1.47 -4.81 -2.49
CA LEU A 10 -1.15 -5.33 -3.82
C LEU A 10 0.31 -5.02 -4.16
N VAL A 11 0.74 -3.80 -4.03
CA VAL A 11 2.13 -3.48 -4.33
C VAL A 11 2.97 -3.80 -3.08
N SER A 12 2.38 -3.64 -1.94
CA SER A 12 3.08 -3.95 -0.70
C SER A 12 2.04 -4.40 0.32
CA 6NA B . 2.59 10.24 3.07
C 6NA B . 1.58 9.34 3.80
O 6NA B . 1.07 9.70 4.85
CB 6NA B . 3.01 11.40 3.98
CG 6NA B . 2.14 12.62 3.68
CD 6NA B . 1.88 13.40 4.98
C6 6NA B . 0.57 12.94 5.60
HAC1 6NA B . 2.14 10.63 2.17
HAC2 6NA B . 3.47 9.65 2.82
HBC1 6NA B . 4.04 11.64 3.80
HBC2 6NA B . 2.89 11.11 5.01
HGC1 6NA B . 1.18 12.29 3.27
HGC2 6NA B . 2.64 13.25 2.97
HDC1 6NA B . 1.82 14.46 4.75
HDC2 6NA B . 2.70 13.22 5.67
H6C1 6NA B . 0.65 12.99 6.68
H6C2 6NA B . 0.36 11.92 5.30
H6C3 6NA B . -0.23 13.60 5.29
N LEU A 1 1.18 8.40 3.86
CA LEU A 1 0.08 7.47 4.05
C LEU A 1 0.60 6.03 3.96
N DGL A 2 1.87 5.83 4.26
CA DGL A 2 2.42 4.49 4.20
C DGL A 2 2.38 3.96 2.75
O DGL A 2 2.50 2.78 2.52
CB DGL A 2 3.88 4.52 4.68
CG DGL A 2 4.22 3.21 5.40
CD DGL A 2 3.33 3.06 6.64
OE1 DGL A 2 3.52 3.81 7.57
OE2 DGL A 2 2.49 2.17 6.62
H DGL A 2 2.43 6.57 4.51
HA DGL A 2 1.85 3.83 4.84
HB2 DGL A 2 4.53 4.65 3.84
HB3 DGL A 2 4.01 5.34 5.37
HG2 DGL A 2 4.05 2.38 4.72
HG3 DGL A 2 5.24 3.23 5.70
N DLE A 3 2.22 4.83 1.80
CA DLE A 3 2.16 4.40 0.41
CB DLE A 3 2.48 5.58 -0.51
CG DLE A 3 2.34 5.14 -1.97
CD1 DLE A 3 2.52 6.36 -2.88
CD2 DLE A 3 3.39 4.10 -2.30
C DLE A 3 0.76 3.86 0.11
O DLE A 3 0.60 2.86 -0.56
H DLE A 3 2.13 5.79 2.01
HA DLE A 3 2.89 3.62 0.25
HB2 DLE A 3 1.80 6.40 -0.31
HB3 DLE A 3 3.49 5.91 -0.33
HG DLE A 3 1.35 4.73 -2.12
HD11 DLE A 3 3.56 6.46 -3.15
HD12 DLE A 3 2.19 7.25 -2.37
HD13 DLE A 3 1.94 6.23 -3.78
HD21 DLE A 3 2.99 3.11 -2.10
HD22 DLE A 3 4.28 4.26 -1.70
HD23 DLE A 3 3.66 4.16 -3.34
N LEU A 4 -0.26 4.51 0.61
CA LEU A 4 -1.62 4.05 0.38
C LEU A 4 -1.78 2.62 0.92
N DGN A 5 -1.22 2.34 2.07
CA DGN A 5 -1.35 1.00 2.62
C DGN A 5 -0.65 -0.01 1.69
O DGN A 5 -1.07 -1.15 1.58
CB DGN A 5 -0.70 0.94 4.01
CG DGN A 5 -1.75 1.26 5.09
CD DGN A 5 -2.86 0.20 5.06
OE1 DGN A 5 -4.00 0.50 5.40
NE2 DGN A 5 -2.61 -1.02 4.65
H DGN A 5 -0.72 3.02 2.56
HA DGN A 5 -2.40 0.74 2.71
HB2 DGN A 5 -0.29 -0.04 4.18
HB3 DGN A 5 0.10 1.68 4.07
HG2 DGN A 5 -1.27 1.24 6.06
HG3 DGN A 5 -2.17 2.22 4.91
HE21 DGN A 5 -1.70 -1.26 4.37
HE22 DGN A 5 -3.33 -1.68 4.63
N DSN A 6 0.40 0.40 1.05
CA DSN A 6 1.11 -0.51 0.16
C DSN A 6 0.20 -0.89 -1.01
O DSN A 6 0.30 -1.97 -1.56
CB DSN A 6 2.38 0.16 -0.38
OG DSN A 6 3.38 0.15 0.62
H DSN A 6 0.73 1.32 1.17
HA DSN A 6 1.38 -1.40 0.71
HB2 DSN A 6 2.74 -0.38 -1.24
HB3 DSN A 6 2.15 1.19 -0.67
HG DSN A 6 4.05 -0.48 0.38
N DVA A 7 -0.69 -0.01 -1.39
CA DVA A 7 -1.59 -0.31 -2.49
CB DVA A 7 -2.24 0.98 -3.00
CG1 DVA A 7 -1.15 1.92 -3.53
CG2 DVA A 7 -3.23 0.66 -4.13
C DVA A 7 -2.67 -1.29 -2.02
O DVA A 7 -3.17 -2.09 -2.78
H DVA A 7 -0.75 0.86 -0.94
HA DVA A 7 -1.03 -0.77 -3.30
HB DVA A 7 -2.76 1.46 -2.19
HG11 DVA A 7 -0.48 2.19 -2.72
HG12 DVA A 7 -1.61 2.82 -3.92
HG13 DVA A 7 -0.60 1.43 -4.31
HG21 DVA A 7 -4.20 1.05 -3.87
HG22 DVA A 7 -3.28 -0.41 -4.26
HG23 DVA A 7 -2.88 1.12 -5.05
N DLE A 8 -3.02 -1.21 -0.76
CA DLE A 8 -4.06 -2.11 -0.25
CB DLE A 8 -4.51 -1.69 1.16
CG DLE A 8 -5.10 -0.28 1.14
CD1 DLE A 8 -6.26 -0.21 0.14
CD2 DLE A 8 -5.63 0.07 2.54
C DLE A 8 -3.51 -3.54 -0.21
O DLE A 8 -4.27 -4.49 -0.20
H DLE A 8 -2.60 -0.55 -0.18
HA DLE A 8 -4.91 -2.08 -0.92
HB2 DLE A 8 -3.67 -1.73 1.85
HB3 DLE A 8 -5.27 -2.39 1.51
HG DLE A 8 -4.34 0.43 0.86
HD11 DLE A 8 -5.87 -0.05 -0.86
HD12 DLE A 8 -6.92 0.59 0.41
HD13 DLE A 8 -6.80 -1.15 0.16
HD21 DLE A 8 -5.91 -0.84 3.06
HD22 DLE A 8 -6.49 0.72 2.45
HD23 DLE A 8 -4.84 0.57 3.10
N DSN A 9 -2.22 -3.71 -0.16
CA DSN A 9 -1.67 -5.06 -0.12
C DSN A 9 -1.39 -5.57 -1.54
O DSN A 9 -1.12 -6.73 -1.73
CB DSN A 9 -0.36 -5.06 0.70
OG DSN A 9 0.72 -4.69 -0.15
H DSN A 9 -1.62 -2.94 -0.16
HA DSN A 9 -2.38 -5.71 0.37
HB2 DSN A 9 -0.18 -6.06 1.09
HB3 DSN A 9 -0.44 -4.34 1.50
N LEU A 10 -1.48 -4.72 -2.53
CA LEU A 10 -1.23 -5.17 -3.90
C LEU A 10 0.25 -5.01 -4.23
N VAL A 11 0.83 -3.85 -4.03
CA VAL A 11 2.24 -3.67 -4.31
C VAL A 11 3.03 -4.14 -3.09
N SER A 12 2.46 -3.97 -1.92
CA SER A 12 3.12 -4.40 -0.70
C SER A 12 2.03 -4.83 0.29
CA 6NA B . 3.01 9.41 2.61
C 6NA B . 1.87 8.40 2.74
O 6NA B . 1.63 7.61 1.85
CB 6NA B . 3.31 9.66 1.14
CG 6NA B . 2.34 10.71 0.60
CD 6NA B . 2.33 10.66 -0.94
C6 6NA B . 0.93 10.98 -1.45
HAC1 6NA B . 3.90 9.02 3.10
HAC2 6NA B . 2.72 10.34 3.09
HBC1 6NA B . 3.19 8.74 0.59
HBC2 6NA B . 4.33 10.01 1.03
HGC1 6NA B . 2.66 11.69 0.91
HGC2 6NA B . 1.35 10.51 0.97
HDC1 6NA B . 2.61 9.66 -1.26
HDC2 6NA B . 3.03 11.38 -1.32
H6C1 6NA B . 0.20 10.65 -0.73
H6C2 6NA B . 0.76 10.48 -2.39
H6C3 6NA B . 0.83 12.05 -1.59
N LEU A 1 0.76 8.52 4.16
CA LEU A 1 -0.18 7.43 3.97
C LEU A 1 0.60 6.10 3.78
N DGL A 2 1.87 6.09 4.11
CA DGL A 2 2.65 4.87 3.97
C DGL A 2 2.53 4.32 2.53
O DGL A 2 2.75 3.15 2.30
CB DGL A 2 4.12 5.16 4.28
CG DGL A 2 4.92 3.87 4.30
CD DGL A 2 6.41 4.18 4.10
OE1 DGL A 2 7.15 4.03 5.05
OE2 DGL A 2 6.77 4.57 3.01
H DGL A 2 2.29 6.90 4.46
HA DGL A 2 2.28 4.13 4.66
HB2 DGL A 2 4.51 5.83 3.53
HB3 DGL A 2 4.19 5.65 5.24
HG2 DGL A 2 4.78 3.38 5.25
HG3 DGL A 2 4.58 3.22 3.51
N DLE A 3 2.20 5.15 1.58
CA DLE A 3 2.08 4.66 0.22
CB DLE A 3 2.26 5.83 -0.78
CG DLE A 3 3.75 6.11 -0.99
CD1 DLE A 3 4.42 6.41 0.35
CD2 DLE A 3 4.41 4.88 -1.62
C DLE A 3 0.69 4.03 0.03
O DLE A 3 0.58 2.96 -0.53
H DLE A 3 2.02 6.09 1.79
HA DLE A 3 2.84 3.93 0.03
HB2 DLE A 3 1.80 5.57 -1.72
HB3 DLE A 3 1.78 6.72 -0.38
HG DLE A 3 3.86 6.95 -1.65
HD11 DLE A 3 4.79 5.50 0.79
HD12 DLE A 3 3.70 6.87 1.02
HD13 DLE A 3 5.24 7.10 0.19
HD21 DLE A 3 5.22 5.20 -2.26
HD22 DLE A 3 3.69 4.34 -2.22
HD23 DLE A 3 4.79 4.24 -0.84
N LEU A 4 -0.34 4.67 0.50
CA LEU A 4 -1.68 4.12 0.37
C LEU A 4 -1.78 2.77 1.10
N DGN A 5 -0.83 2.46 1.96
CA DGN A 5 -0.89 1.20 2.68
C DGN A 5 -0.37 0.06 1.80
O DGN A 5 -0.99 -0.98 1.67
CB DGN A 5 -0.04 1.29 3.95
CG DGN A 5 -0.87 1.92 5.08
CD DGN A 5 -2.08 1.03 5.40
OE1 DGN A 5 -3.10 1.52 5.84
NE2 DGN A 5 -2.01 -0.26 5.23
H DGN A 5 -0.09 3.07 2.13
HA DGN A 5 -1.92 1.00 2.95
HB2 DGN A 5 0.28 0.31 4.24
HB3 DGN A 5 0.82 1.91 3.76
HG2 DGN A 5 -0.25 2.02 5.96
HG3 DGN A 5 -1.22 2.90 4.76
HE21 DGN A 5 -1.18 -0.68 4.89
HE22 DGN A 5 -2.77 -0.83 5.45
N DSN A 6 0.77 0.25 1.19
CA DSN A 6 1.33 -0.80 0.35
C DSN A 6 0.39 -1.10 -0.82
O DSN A 6 0.37 -2.19 -1.36
CB DSN A 6 2.70 -0.37 -0.19
OG DSN A 6 3.67 -0.47 0.85
H DSN A 6 1.26 1.09 1.31
HA DSN A 6 1.45 -1.71 0.94
HB2 DSN A 6 2.99 -1.01 -1.02
HB3 DSN A 6 2.64 0.65 -0.54
HG DSN A 6 4.08 -1.33 0.78
N DVA A 7 -0.38 -0.12 -1.23
CA DVA A 7 -1.29 -0.34 -2.34
CB DVA A 7 -1.81 1.01 -2.86
CG1 DVA A 7 -0.64 1.85 -3.37
CG2 DVA A 7 -2.81 0.78 -3.99
C DVA A 7 -2.46 -1.22 -1.90
O DVA A 7 -3.07 -1.91 -2.69
H DVA A 7 -0.35 0.76 -0.79
HA DVA A 7 -0.76 -0.84 -3.15
HB DVA A 7 -2.30 1.53 -2.04
HG11 DVA A 7 -1.01 2.72 -3.89
HG12 DVA A 7 -0.05 1.25 -4.06
HG13 DVA A 7 -0.03 2.16 -2.55
HG21 DVA A 7 -3.64 0.21 -3.62
HG22 DVA A 7 -2.33 0.25 -4.80
HG23 DVA A 7 -3.16 1.74 -4.35
N DLE A 8 -2.79 -1.19 -0.63
CA DLE A 8 -3.90 -2.01 -0.16
CB DLE A 8 -4.28 -1.64 1.29
CG DLE A 8 -4.71 -0.18 1.37
CD1 DLE A 8 -6.23 -0.08 1.21
CD2 DLE A 8 -4.31 0.39 2.74
C DLE A 8 -3.53 -3.49 -0.22
O DLE A 8 -4.39 -4.35 -0.28
H DLE A 8 -2.28 -0.62 -0.01
HA DLE A 8 -4.75 -1.83 -0.80
HB2 DLE A 8 -3.44 -1.82 1.95
HB3 DLE A 8 -5.11 -2.27 1.60
HG DLE A 8 -4.22 0.39 0.59
HD11 DLE A 8 -6.48 0.89 0.79
HD12 DLE A 8 -6.71 -0.20 2.16
HD13 DLE A 8 -6.56 -0.86 0.53
HD21 DLE A 8 -5.15 0.34 3.41
HD22 DLE A 8 -4.00 1.42 2.62
HD23 DLE A 8 -3.49 -0.19 3.14
N DSN A 9 -2.26 -3.81 -0.22
CA DSN A 9 -1.87 -5.21 -0.28
C DSN A 9 -1.66 -5.64 -1.75
O DSN A 9 -1.48 -6.81 -2.04
CB DSN A 9 -0.58 -5.44 0.52
OG DSN A 9 0.55 -5.16 -0.29
H DSN A 9 -1.58 -3.12 -0.18
HA DSN A 9 -2.65 -5.82 0.14
HB2 DSN A 9 -0.53 -6.47 0.85
HB3 DSN A 9 -0.57 -4.76 1.39
N LEU A 10 -1.65 -4.70 -2.67
CA LEU A 10 -1.44 -5.08 -4.08
C LEU A 10 0.06 -5.06 -4.40
N VAL A 11 0.77 -4.01 -4.08
CA VAL A 11 2.19 -3.98 -4.36
C VAL A 11 2.91 -4.66 -3.19
N SER A 12 2.37 -4.51 -2.01
CA SER A 12 2.96 -5.14 -0.84
C SER A 12 1.83 -5.48 0.13
CA 6NA B . 2.55 10.03 3.48
C 6NA B . 1.60 8.86 3.21
O 6NA B . 1.62 8.27 2.15
CB 6NA B . 3.64 9.59 4.47
CG 6NA B . 3.02 9.41 5.87
CD 6NA B . 4.06 9.74 6.93
C6 6NA B . 3.35 10.16 8.22
HAC1 6NA B . 2.01 10.87 3.90
HAC2 6NA B . 3.02 10.33 2.56
HBC1 6NA B . 4.41 10.35 4.52
HBC2 6NA B . 4.07 8.66 4.14
HGC1 6NA B . 2.69 8.39 5.98
HGC2 6NA B . 2.16 10.07 5.97
HDC1 6NA B . 4.68 10.55 6.59
HDC2 6NA B . 4.67 8.87 7.12
H6C1 6NA B . 2.81 9.31 8.63
H6C2 6NA B . 2.66 10.95 8.02
H6C3 6NA B . 4.08 10.49 8.95
N LEU A 1 0.60 8.24 4.05
CA LEU A 1 -0.26 7.08 4.28
C LEU A 1 0.57 5.79 4.14
N DGL A 2 1.86 5.88 4.32
CA DGL A 2 2.69 4.70 4.21
C DGL A 2 2.67 4.18 2.76
O DGL A 2 2.93 3.03 2.50
CB DGL A 2 4.14 5.03 4.60
CG DGL A 2 4.37 4.74 6.09
CD DGL A 2 4.10 3.26 6.38
OE1 DGL A 2 5.02 2.47 6.19
OE2 DGL A 2 3.00 2.93 6.78
H DGL A 2 2.26 6.74 4.53
HA DGL A 2 2.32 3.93 4.86
HB2 DGL A 2 4.82 4.43 4.02
HB3 DGL A 2 4.33 6.08 4.41
HG2 DGL A 2 5.38 4.98 6.35
HG3 DGL A 2 3.70 5.34 6.69
N DLE A 3 2.37 5.04 1.82
CA DLE A 3 2.33 4.62 0.43
CB DLE A 3 2.58 5.81 -0.49
CG DLE A 3 4.09 6.08 -0.57
CD1 DLE A 3 4.77 4.94 -1.32
CD2 DLE A 3 4.33 7.40 -1.30
C DLE A 3 0.97 4.00 0.12
O DLE A 3 0.87 2.96 -0.50
H DLE A 3 2.17 5.98 2.05
HA DLE A 3 3.10 3.87 0.27
HB2 DLE A 3 2.22 5.59 -1.48
HB3 DLE A 3 2.08 6.69 -0.11
HG DLE A 3 4.49 6.15 0.43
HD11 DLE A 3 5.13 4.21 -0.61
HD12 DLE A 3 5.62 5.34 -1.88
HD13 DLE A 3 4.07 4.49 -2.01
HD21 DLE A 3 3.48 8.05 -1.19
HD22 DLE A 3 4.49 7.20 -2.35
HD23 DLE A 3 5.20 7.89 -0.89
N LEU A 4 -0.10 4.63 0.56
CA LEU A 4 -1.43 4.10 0.31
C LEU A 4 -1.56 2.70 0.93
N DGN A 5 -0.72 2.36 1.86
CA DGN A 5 -0.81 1.04 2.47
C DGN A 5 -0.26 -0.03 1.52
O DGN A 5 -0.79 -1.11 1.41
CB DGN A 5 -0.01 1.01 3.77
CG DGN A 5 -0.88 1.49 4.94
CD DGN A 5 -2.07 0.55 5.13
OE1 DGN A 5 -3.12 0.96 5.58
NE2 DGN A 5 -1.96 -0.72 4.82
H DGN A 5 -0.03 2.98 2.17
HA DGN A 5 -1.85 0.81 2.70
HB2 DGN A 5 0.34 0.01 3.97
HB3 DGN A 5 0.85 1.67 3.68
HG2 DGN A 5 -0.30 1.52 5.85
HG3 DGN A 5 -1.25 2.49 4.73
HE21 DGN A 5 -1.12 -1.07 4.46
HE22 DGN A 5 -2.72 -1.32 4.94
N DSN A 6 0.81 0.29 0.83
CA DSN A 6 1.39 -0.68 -0.09
C DSN A 6 0.37 -1.01 -1.20
O DSN A 6 0.36 -2.10 -1.74
CB DSN A 6 2.66 -0.12 -0.73
OG DSN A 6 3.72 -0.17 0.22
H DSN A 6 1.23 1.16 0.94
HA DSN A 6 1.62 -1.60 0.45
HB2 DSN A 6 2.93 -0.70 -1.59
HB3 DSN A 6 2.49 0.91 -1.02
HG DSN A 6 4.53 -0.36 -0.25
N DVA A 7 -0.47 -0.07 -1.54
CA DVA A 7 -1.45 -0.31 -2.58
CB DVA A 7 -2.02 1.01 -3.07
CG1 DVA A 7 -0.90 1.87 -3.66
CG2 DVA A 7 -3.07 0.75 -4.16
C DVA A 7 -2.58 -1.19 -2.01
O DVA A 7 -3.15 -2.00 -2.71
H DVA A 7 -0.44 0.81 -1.09
HA DVA A 7 -0.98 -0.83 -3.40
HB DVA A 7 -2.49 1.54 -2.24
HG11 DVA A 7 -0.36 1.30 -4.39
HG12 DVA A 7 -0.23 2.17 -2.87
HG13 DVA A 7 -1.32 2.75 -4.12
HG21 DVA A 7 -2.63 0.20 -4.97
HG22 DVA A 7 -3.45 1.69 -4.52
HG23 DVA A 7 -3.89 0.17 -3.74
N DLE A 8 -2.88 -1.03 -0.75
CA DLE A 8 -3.95 -1.82 -0.16
CB DLE A 8 -4.29 -1.27 1.23
CG DLE A 8 -5.33 -2.17 1.91
CD1 DLE A 8 -4.63 -3.16 2.85
CD2 DLE A 8 -6.31 -1.30 2.71
C DLE A 8 -3.51 -3.28 -0.05
O DLE A 8 -4.32 -4.18 0.04
H DLE A 8 -2.41 -0.36 -0.22
HA DLE A 8 -4.83 -1.76 -0.78
HB2 DLE A 8 -4.68 -0.27 1.15
HB3 DLE A 8 -3.39 -1.25 1.84
HG DLE A 8 -5.87 -2.72 1.15
HD11 DLE A 8 -4.17 -3.94 2.27
HD12 DLE A 8 -5.35 -3.58 3.52
HD13 DLE A 8 -3.88 -2.63 3.42
HD21 DLE A 8 -6.47 -0.37 2.20
HD22 DLE A 8 -5.89 -1.11 3.69
HD23 DLE A 8 -7.25 -1.82 2.82
N DSN A 9 -2.22 -3.54 -0.05
CA DSN A 9 -1.75 -4.91 0.05
C DSN A 9 -1.59 -5.53 -1.35
O DSN A 9 -1.39 -6.71 -1.49
CB DSN A 9 -0.40 -4.95 0.80
OG DSN A 9 0.65 -4.68 -0.13
H DSN A 9 -1.57 -2.81 -0.13
HA DSN A 9 -2.48 -5.48 0.61
HB2 DSN A 9 -0.26 -5.94 1.23
HB3 DSN A 9 -0.40 -4.19 1.57
N LEU A 10 -1.68 -4.73 -2.39
CA LEU A 10 -1.53 -5.28 -3.74
C LEU A 10 -0.06 -5.22 -4.15
N VAL A 11 0.58 -4.08 -4.06
CA VAL A 11 1.99 -4.00 -4.43
C VAL A 11 2.82 -4.41 -3.21
N SER A 12 2.31 -4.16 -2.03
CA SER A 12 3.01 -4.52 -0.82
C SER A 12 1.97 -4.84 0.25
CA 6NA B . 2.10 9.63 2.73
C 6NA B . 1.22 8.39 2.90
O 6NA B . 1.10 7.58 2.00
CB 6NA B . 1.20 10.86 2.48
CG 6NA B . 0.39 11.16 3.74
CD 6NA B . -0.31 12.51 3.57
C6 6NA B . 0.54 13.62 4.17
HAC1 6NA B . 2.76 9.49 1.89
HAC2 6NA B . 2.67 9.79 3.63
HBC1 6NA B . 0.53 10.64 1.66
HBC2 6NA B . 1.82 11.70 2.23
HGC1 6NA B . 1.05 11.22 4.60
HGC2 6NA B . -0.34 10.39 3.90
HDC1 6NA B . -1.28 12.48 4.08
HDC2 6NA B . -0.47 12.70 2.52
H6C1 6NA B . 1.21 14.00 3.42
H6C2 6NA B . 1.10 13.23 5.01
H6C3 6NA B . -0.10 14.43 4.51
N LEU A 1 0.89 8.44 3.69
CA LEU A 1 0.01 7.36 4.10
C LEU A 1 0.74 6.01 3.98
N DGL A 2 2.03 6.02 4.12
CA DGL A 2 2.79 4.79 4.02
C DGL A 2 2.59 4.15 2.64
O DGL A 2 2.75 2.96 2.47
CB DGL A 2 4.27 5.08 4.25
CG DGL A 2 4.96 3.85 4.85
CD DGL A 2 4.37 3.56 6.24
OE1 DGL A 2 4.85 4.13 7.20
OE2 DGL A 2 3.44 2.77 6.30
H DGL A 2 2.50 6.86 4.28
HA DGL A 2 2.45 4.10 4.79
HB2 DGL A 2 4.74 5.33 3.31
HB3 DGL A 2 4.38 5.91 4.93
HG2 DGL A 2 4.81 3.01 4.21
HG3 DGL A 2 6.00 4.06 4.95
N DLE A 3 2.28 4.95 1.66
CA DLE A 3 2.08 4.42 0.32
CB DLE A 3 2.33 5.52 -0.72
CG DLE A 3 2.04 4.98 -2.12
CD1 DLE A 3 1.99 6.15 -3.11
CD2 DLE A 3 3.14 4.00 -2.53
C DLE A 3 0.65 3.87 0.20
O DLE A 3 0.44 2.80 -0.35
H DLE A 3 2.17 5.90 1.82
HA DLE A 3 2.79 3.61 0.16
HB2 DLE A 3 1.68 6.35 -0.51
HB3 DLE A 3 3.35 5.84 -0.66
HG DLE A 3 1.09 4.47 -2.12
HD11 DLE A 3 2.78 6.84 -2.88
HD12 DLE A 3 1.03 6.65 -3.03
HD13 DLE A 3 2.12 5.77 -4.11
HD21 DLE A 3 3.89 4.53 -3.11
HD22 DLE A 3 2.72 3.21 -3.13
HD23 DLE A 3 3.61 3.59 -1.65
N LEU A 4 -0.32 4.58 0.71
CA LEU A 4 -1.69 4.12 0.63
C LEU A 4 -1.84 2.76 1.35
N DGN A 5 -0.90 2.41 2.21
CA DGN A 5 -1.00 1.14 2.91
C DGN A 5 -0.51 0.00 2.02
O DGN A 5 -1.17 -1.01 1.87
CB DGN A 5 -0.16 1.20 4.18
CG DGN A 5 -0.97 1.84 5.31
CD DGN A 5 -2.21 0.99 5.63
OE1 DGN A 5 -3.22 1.51 6.06
NE2 DGN A 5 -2.19 -0.30 5.44
H DGN A 5 -0.14 3.00 2.37
HA DGN A 5 -2.04 0.97 3.17
HB2 DGN A 5 0.12 0.20 4.47
HB3 DGN A 5 0.72 1.79 4.01
HG2 DGN A 5 -0.36 1.92 6.20
HG3 DGN A 5 -1.29 2.83 5.01
HE21 DGN A 5 -1.37 -0.74 5.10
HE22 DGN A 5 -2.97 -0.85 5.64
N DSN A 6 0.65 0.16 1.42
CA DSN A 6 1.19 -0.90 0.58
C DSN A 6 0.26 -1.11 -0.63
O DSN A 6 0.17 -2.20 -1.16
CB DSN A 6 2.59 -0.52 0.09
OG DSN A 6 3.51 -0.69 1.15
H DSN A 6 1.16 0.98 1.57
HA DSN A 6 1.24 -1.82 1.15
HB2 DSN A 6 2.87 -1.15 -0.74
HB3 DSN A 6 2.59 0.51 -0.25
HG DSN A 6 3.20 -0.18 1.90
N DVA A 7 -0.41 -0.08 -1.07
CA DVA A 7 -1.28 -0.23 -2.23
CB DVA A 7 -1.81 1.14 -2.65
CG1 DVA A 7 -0.64 1.98 -3.20
CG2 DVA A 7 -2.87 0.97 -3.75
C DVA A 7 -2.46 -1.15 -1.85
O DVA A 7 -3.01 -1.83 -2.69
H DVA A 7 -0.31 0.79 -0.64
HA DVA A 7 -0.73 -0.68 -3.04
HB DVA A 7 -2.24 1.64 -1.80
HG11 DVA A 7 0.11 2.08 -2.43
HG12 DVA A 7 -1.01 2.96 -3.48
HG13 DVA A 7 -0.23 1.49 -4.07
HG21 DVA A 7 -2.49 0.30 -4.51
HG22 DVA A 7 -3.07 1.94 -4.20
HG23 DVA A 7 -3.77 0.57 -3.32
N DLE A 8 -2.82 -1.18 -0.59
CA DLE A 8 -3.92 -2.04 -0.19
CB DLE A 8 -4.33 -1.78 1.27
CG DLE A 8 -4.78 -0.33 1.44
CD1 DLE A 8 -6.31 -0.24 1.31
CD2 DLE A 8 -4.36 0.19 2.82
C DLE A 8 -3.52 -3.51 -0.34
O DLE A 8 -4.36 -4.38 -0.44
H DLE A 8 -2.35 -0.63 0.07
HA DLE A 8 -4.78 -1.84 -0.82
HB2 DLE A 8 -3.49 -1.97 1.93
HB3 DLE A 8 -5.15 -2.44 1.54
HG DLE A 8 -4.32 0.29 0.67
HD11 DLE A 8 -6.68 0.53 1.96
HD12 DLE A 8 -6.74 -1.19 1.60
HD13 DLE A 8 -6.56 -0.03 0.28
HD21 DLE A 8 -4.10 1.23 2.75
HD22 DLE A 8 -3.51 -0.38 3.17
HD23 DLE A 8 -5.18 0.05 3.52
N DSN A 9 -2.24 -3.80 -0.36
CA DSN A 9 -1.81 -5.18 -0.50
C DSN A 9 -1.54 -5.50 -1.97
O DSN A 9 -1.22 -6.62 -2.31
CB DSN A 9 -0.56 -5.44 0.35
OG DSN A 9 0.60 -5.05 -0.38
H DSN A 9 -1.57 -3.09 -0.26
HA DSN A 9 -2.61 -5.83 -0.14
HB2 DSN A 9 -0.49 -6.49 0.60
HB3 DSN A 9 -0.61 -4.84 1.27
N LEU A 10 -1.67 -4.54 -2.86
CA LEU A 10 -1.43 -4.81 -4.27
C LEU A 10 0.07 -4.79 -4.55
N VAL A 11 0.79 -3.83 -4.03
CA VAL A 11 2.22 -3.79 -4.26
C VAL A 11 2.89 -4.51 -3.09
N SER A 12 2.49 -4.17 -1.89
CA SER A 12 3.03 -4.81 -0.72
C SER A 12 1.86 -5.26 0.15
CA 6NA B . 2.30 9.63 2.11
C 6NA B . 1.39 8.46 2.48
O 6NA B . 1.12 7.59 1.66
CB 6NA B . 2.30 9.84 0.60
CG 6NA B . 2.02 11.31 0.29
CD 6NA B . 1.21 11.41 -1.01
C6 6NA B . 0.22 12.57 -0.92
HAC1 6NA B . 3.31 9.40 2.44
HAC2 6NA B . 1.96 10.53 2.61
HBC1 6NA B . 1.53 9.22 0.15
HBC2 6NA B . 3.27 9.56 0.19
HGC1 6NA B . 2.95 11.84 0.16
HGC2 6NA B . 1.45 11.75 1.09
HDC1 6NA B . 0.68 10.49 -1.18
HDC2 6NA B . 1.90 11.58 -1.84
H6C1 6NA B . -0.29 12.68 -1.86
H6C2 6NA B . 0.75 13.48 -0.68
H6C3 6NA B . -0.50 12.35 -0.14
N LEU A 1 0.53 8.39 4.10
CA LEU A 1 -0.22 7.17 4.28
C LEU A 1 0.68 5.94 4.06
N DGL A 2 1.98 6.14 4.08
CA DGL A 2 2.90 5.02 3.89
C DGL A 2 2.70 4.38 2.50
O DGL A 2 2.99 3.21 2.31
CB DGL A 2 4.33 5.53 4.01
CG DGL A 2 5.30 4.34 4.00
CD DGL A 2 6.70 4.83 3.63
OE1 DGL A 2 6.91 5.13 2.47
OE2 DGL A 2 7.53 4.90 4.52
H DGL A 2 2.33 7.03 4.23
HA DGL A 2 2.72 4.29 4.65
HB2 DGL A 2 4.56 6.19 3.18
HB3 DGL A 2 4.45 6.07 4.94
HG2 DGL A 2 5.32 3.88 4.98
HG3 DGL A 2 4.97 3.62 3.27
N DLE A 3 2.21 5.13 1.54
CA DLE A 3 2.02 4.55 0.22
CB DLE A 3 2.11 5.65 -0.86
CG DLE A 3 3.35 6.54 -0.65
CD1 DLE A 3 3.89 6.99 -2.00
CD2 DLE A 3 2.95 7.77 0.17
C DLE A 3 0.66 3.87 0.14
O DLE A 3 0.52 2.80 -0.41
H DLE A 3 2.00 6.07 1.72
HA DLE A 3 2.79 3.81 0.04
HB2 DLE A 3 2.18 5.18 -1.83
HB3 DLE A 3 1.23 6.26 -0.83
HG DLE A 3 4.12 5.99 -0.12
HD11 DLE A 3 3.79 6.18 -2.71
HD12 DLE A 3 4.93 7.26 -1.91
HD13 DLE A 3 3.33 7.85 -2.35
HD21 DLE A 3 3.54 8.62 -0.14
HD22 DLE A 3 3.13 7.58 1.22
HD23 DLE A 3 1.91 7.99 0.01
N LEU A 4 -0.37 4.47 0.70
CA LEU A 4 -1.69 3.87 0.67
C LEU A 4 -1.65 2.48 1.33
N DGN A 5 -0.64 2.19 2.12
CA DGN A 5 -0.57 0.89 2.77
C DGN A 5 -0.05 -0.16 1.78
O DGN A 5 -0.59 -1.24 1.68
CB DGN A 5 0.38 0.98 3.96
CG DGN A 5 -0.38 1.49 5.19
CD DGN A 5 -1.49 0.50 5.58
OE1 DGN A 5 -2.51 0.90 6.11
NE2 DGN A 5 -1.34 -0.78 5.35
H DGN A 5 0.07 2.85 2.26
HA DGN A 5 -1.55 0.61 3.10
HB2 DGN A 5 0.78 -0.01 4.17
HB3 DGN A 5 1.19 1.66 3.74
HG2 DGN A 5 0.31 1.60 6.02
HG3 DGN A 5 -0.82 2.45 4.97
HE21 DGN A 5 -0.52 -1.12 4.93
HE22 DGN A 5 -2.05 -1.41 5.60
N DSN A 6 1.00 0.14 1.05
CA DSN A 6 1.54 -0.82 0.11
C DSN A 6 0.56 -1.05 -1.04
O DSN A 6 0.47 -2.13 -1.59
CB DSN A 6 2.88 -0.31 -0.45
OG DSN A 6 3.89 -0.48 0.53
H DSN A 6 1.43 1.02 1.16
HA DSN A 6 1.70 -1.76 0.62
HB2 DSN A 6 3.14 -0.88 -1.33
HB3 DSN A 6 2.79 0.74 -0.72
HG DSN A 6 4.12 -1.41 0.56
N DVA A 7 -0.20 -0.03 -1.41
CA DVA A 7 -1.14 -0.20 -2.50
CB DVA A 7 -1.60 1.17 -3.01
CG1 DVA A 7 -0.37 1.99 -3.42
CG2 DVA A 7 -2.51 1.00 -4.22
C DVA A 7 -2.35 -0.99 -2.00
O DVA A 7 -3.02 -1.67 -2.76
H DVA A 7 -0.11 0.83 -0.96
HA DVA A 7 -0.68 -0.75 -3.31
HB DVA A 7 -2.12 1.68 -2.22
HG11 DVA A 7 -0.65 2.70 -4.19
HG12 DVA A 7 0.40 1.33 -3.79
HG13 DVA A 7 0.01 2.53 -2.55
HG21 DVA A 7 -1.93 1.06 -5.13
HG22 DVA A 7 -3.27 1.78 -4.22
HG23 DVA A 7 -3.00 0.03 -4.17
N DLE A 8 -2.67 -0.88 -0.73
CA DLE A 8 -3.80 -1.61 -0.20
CB DLE A 8 -4.09 -1.13 1.23
CG DLE A 8 -5.23 -1.97 1.84
CD1 DLE A 8 -4.64 -3.08 2.71
CD2 DLE A 8 -6.11 -1.06 2.70
C DLE A 8 -3.53 -3.12 -0.21
O DLE A 8 -4.44 -3.92 -0.23
H DLE A 8 -2.12 -0.32 -0.15
HA DLE A 8 -4.67 -1.40 -0.81
HB2 DLE A 8 -4.37 -0.09 1.22
HB3 DLE A 8 -3.19 -1.26 1.83
HG DLE A 8 -5.82 -2.40 1.05
HD11 DLE A 8 -5.39 -3.84 2.89
HD12 DLE A 8 -4.32 -2.67 3.65
HD13 DLE A 8 -3.79 -3.52 2.21
HD21 DLE A 8 -6.67 -0.39 2.05
HD22 DLE A 8 -5.50 -0.48 3.37
HD23 DLE A 8 -6.80 -1.66 3.27
N DSN A 9 -2.28 -3.51 -0.19
CA DSN A 9 -1.97 -4.94 -0.19
C DSN A 9 -1.80 -5.43 -1.64
O DSN A 9 -1.73 -6.62 -1.88
CB DSN A 9 -0.70 -5.19 0.61
OG DSN A 9 0.44 -5.00 -0.23
H DSN A 9 -1.55 -2.85 -0.17
HA DSN A 9 -2.79 -5.47 0.26
HB2 DSN A 9 -0.70 -6.23 0.97
HB3 DSN A 9 -0.65 -4.50 1.45
N LEU A 10 -1.73 -4.54 -2.61
CA LEU A 10 -1.56 -4.99 -3.99
C LEU A 10 -0.07 -5.08 -4.32
N VAL A 11 0.71 -4.05 -4.07
CA VAL A 11 2.13 -4.12 -4.35
C VAL A 11 2.82 -4.76 -3.15
N SER A 12 2.28 -4.53 -1.98
CA SER A 12 2.85 -5.10 -0.77
C SER A 12 1.71 -5.37 0.21
CA 6NA B . 1.83 10.00 2.81
C 6NA B . 1.04 8.69 2.93
O 6NA B . 0.90 7.96 1.97
CB 6NA B . 0.85 11.16 2.57
CG 6NA B . 0.43 11.77 3.92
CD 6NA B . 1.32 12.98 4.22
C6 6NA B . 0.56 13.93 5.16
HAC1 6NA B . 2.52 9.94 1.99
HAC2 6NA B . 2.37 10.18 3.73
HBC1 6NA B . -0.02 10.79 2.05
HBC2 6NA B . 1.34 11.91 1.97
HGC1 6NA B . 0.55 11.03 4.70
HGC2 6NA B . -0.61 12.07 3.85
HDC1 6NA B . 1.55 13.50 3.31
HDC2 6NA B . 2.22 12.65 4.71
H6C1 6NA B . -0.50 13.92 4.90
H6C2 6NA B . 0.94 14.94 5.03
H6C3 6NA B . 0.68 13.61 6.18
N LEU A 1 1.22 8.40 3.80
CA LEU A 1 0.16 7.45 4.09
C LEU A 1 0.69 6.03 3.97
N DGL A 2 1.98 5.84 4.17
CA DGL A 2 2.55 4.51 4.08
C DGL A 2 2.38 3.97 2.66
O DGL A 2 2.49 2.78 2.42
CB DGL A 2 4.04 4.57 4.43
CG DGL A 2 4.46 3.27 5.10
CD DGL A 2 3.70 3.10 6.42
OE1 DGL A 2 2.69 2.42 6.41
OE2 DGL A 2 4.15 3.65 7.41
H DGL A 2 2.55 6.60 4.39
HA DGL A 2 2.05 3.85 4.77
HB2 DGL A 2 4.62 4.71 3.53
HB3 DGL A 2 4.22 5.40 5.11
HG2 DGL A 2 4.25 2.43 4.45
HG3 DGL A 2 5.53 3.31 5.30
N DLE A 3 2.12 4.83 1.70
CA DLE A 3 1.95 4.36 0.33
CB DLE A 3 2.22 5.50 -0.65
CG DLE A 3 3.73 5.66 -0.85
CD1 DLE A 3 4.27 4.44 -1.62
CD2 DLE A 3 4.02 6.93 -1.64
C DLE A 3 0.51 3.84 0.14
O DLE A 3 0.30 2.81 -0.44
H DLE A 3 2.03 5.78 1.91
HA DLE A 3 2.65 3.56 0.14
HB2 DLE A 3 1.76 5.29 -1.60
HB3 DLE A 3 1.81 6.43 -0.25
HG DLE A 3 4.22 5.71 0.12
HD11 DLE A 3 4.61 3.70 -0.92
HD12 DLE A 3 5.09 4.76 -2.25
HD13 DLE A 3 3.48 4.03 -2.23
HD21 DLE A 3 4.06 6.70 -2.70
HD22 DLE A 3 4.96 7.35 -1.32
HD23 DLE A 3 3.23 7.65 -1.47
N LEU A 4 -0.45 4.56 0.66
CA LEU A 4 -1.84 4.13 0.54
C LEU A 4 -1.98 2.71 1.10
N DGN A 5 -1.23 2.38 2.13
CA DGN A 5 -1.33 1.06 2.70
C DGN A 5 -0.64 0.04 1.79
O DGN A 5 -1.11 -1.07 1.62
CB DGN A 5 -0.66 1.04 4.08
CG DGN A 5 -1.66 1.45 5.16
CD DGN A 5 -2.82 0.45 5.21
OE1 DGN A 5 -3.93 0.81 5.56
NE2 DGN A 5 -2.63 -0.80 4.88
H DGN A 5 -0.61 3.04 2.51
HA DGN A 5 -2.37 0.79 2.82
HB2 DGN A 5 -0.29 0.04 4.28
HB3 DGN A 5 0.17 1.73 4.08
HG2 DGN A 5 -1.16 1.48 6.12
HG3 DGN A 5 -2.05 2.43 4.93
HE21 DGN A 5 -1.74 -1.11 4.60
HE22 DGN A 5 -3.37 -1.44 4.91
N DSN A 6 0.47 0.40 1.20
CA DSN A 6 1.17 -0.53 0.33
C DSN A 6 0.27 -0.88 -0.87
O DSN A 6 0.36 -1.96 -1.41
CB DSN A 6 2.47 0.11 -0.19
OG DSN A 6 3.44 0.08 0.85
H DSN A 6 0.83 1.30 1.36
HA DSN A 6 1.40 -1.43 0.87
HB2 DSN A 6 2.84 -0.44 -1.04
HB3 DSN A 6 2.28 1.14 -0.49
HG DSN A 6 3.84 -0.79 0.87
N DVA A 7 -0.57 0.02 -1.27
CA DVA A 7 -1.45 -0.25 -2.40
CB DVA A 7 -2.04 1.06 -2.92
CG1 DVA A 7 -0.91 1.98 -3.38
CG2 DVA A 7 -2.97 0.77 -4.10
C DVA A 7 -2.58 -1.19 -1.94
O DVA A 7 -3.16 -1.89 -2.74
H DVA A 7 -0.63 0.89 -0.81
HA DVA A 7 -0.88 -0.73 -3.18
HB DVA A 7 -2.60 1.55 -2.14
HG11 DVA A 7 -1.32 2.81 -3.95
HG12 DVA A 7 -0.23 1.42 -4.01
HG13 DVA A 7 -0.37 2.36 -2.53
HG21 DVA A 7 -3.22 1.70 -4.60
HG22 DVA A 7 -3.87 0.30 -3.74
HG23 DVA A 7 -2.47 0.11 -4.80
N DLE A 8 -2.88 -1.19 -0.68
CA DLE A 8 -3.95 -2.06 -0.19
CB DLE A 8 -4.29 -1.69 1.27
CG DLE A 8 -5.41 -2.61 1.79
CD1 DLE A 8 -5.33 -2.68 3.32
CD2 DLE A 8 -6.77 -2.05 1.37
C DLE A 8 -3.50 -3.53 -0.27
O DLE A 8 -4.32 -4.42 -0.38
H DLE A 8 -2.40 -0.61 -0.05
HA DLE A 8 -4.83 -1.92 -0.80
HB2 DLE A 8 -4.63 -0.67 1.32
HB3 DLE A 8 -3.42 -1.81 1.89
HG DLE A 8 -5.28 -3.60 1.39
HD11 DLE A 8 -4.30 -2.63 3.63
HD12 DLE A 8 -5.77 -3.61 3.66
HD13 DLE A 8 -5.88 -1.86 3.74
HD21 DLE A 8 -7.53 -2.77 1.61
HD22 DLE A 8 -6.77 -1.85 0.31
HD23 DLE A 8 -6.96 -1.14 1.91
N DSN A 9 -2.22 -3.78 -0.23
CA DSN A 9 -1.75 -5.16 -0.30
C DSN A 9 -1.48 -5.55 -1.76
O DSN A 9 -1.26 -6.70 -2.06
CB DSN A 9 -0.48 -5.32 0.54
OG DSN A 9 0.65 -4.93 -0.23
H DSN A 9 -1.57 -3.05 -0.14
HA DSN A 9 -2.52 -5.81 0.10
HB2 DSN A 9 -0.38 -6.37 0.83
HB3 DSN A 9 -0.54 -4.69 1.42
N LEU A 10 -1.49 -4.60 -2.67
CA LEU A 10 -1.23 -4.95 -4.06
C LEU A 10 0.28 -4.87 -4.34
N VAL A 11 0.93 -3.79 -4.00
CA VAL A 11 2.37 -3.70 -4.23
C VAL A 11 3.07 -4.32 -3.02
N SER A 12 2.50 -4.14 -1.85
CA SER A 12 3.08 -4.71 -0.66
C SER A 12 1.93 -5.17 0.25
CA 6NA B . 2.92 9.42 2.39
C 6NA B . 1.82 8.39 2.63
O 6NA B . 1.50 7.60 1.76
CB 6NA B . 3.26 9.50 0.90
CG 6NA B . 2.50 10.67 0.27
CD 6NA B . 3.37 11.92 0.30
C6 6NA B . 2.92 12.89 -0.79
HAC1 6NA B . 3.81 9.14 2.94
HAC2 6NA B . 2.59 10.39 2.74
HBC1 6NA B . 2.95 8.59 0.42
HBC2 6NA B . 4.32 9.65 0.77
HGC1 6NA B . 1.59 10.86 0.82
HGC2 6NA B . 2.26 10.43 -0.76
HDC1 6NA B . 4.40 11.65 0.14
HDC2 6NA B . 3.29 12.40 1.27
H6C1 6NA B . 3.36 13.87 -0.61
H6C2 6NA B . 1.86 12.97 -0.78
H6C3 6NA B . 3.25 12.52 -1.75
N LEU A 1 1.34 8.07 4.09
CA LEU A 1 0.26 7.10 4.14
C LEU A 1 0.81 5.69 3.87
N DGL A 2 2.06 5.47 4.16
CA DGL A 2 2.65 4.15 3.93
C DGL A 2 2.44 3.72 2.48
O DGL A 2 2.46 2.54 2.17
CB DGL A 2 4.15 4.20 4.25
CG DGL A 2 4.88 5.15 3.29
CD DGL A 2 4.97 6.54 3.91
OE1 DGL A 2 5.88 7.27 3.54
OE2 DGL A 2 4.15 6.86 4.75
H DGL A 2 2.60 6.19 4.53
HA DGL A 2 2.16 3.44 4.58
HB2 DGL A 2 4.29 4.54 5.27
HB3 DGL A 2 4.56 3.20 4.15
HG2 DGL A 2 5.87 4.76 3.10
HG3 DGL A 2 4.34 5.20 2.36
N DLE A 3 2.23 4.65 1.58
CA DLE A 3 2.02 4.29 0.18
CB DLE A 3 2.38 5.47 -0.73
CG DLE A 3 3.89 5.52 -0.95
CD1 DLE A 3 4.33 4.29 -1.73
CD2 DLE A 3 4.25 6.79 -1.72
C DLE A 3 0.57 3.88 -0.02
O DLE A 3 0.27 2.90 -0.68
H DLE A 3 2.22 5.59 1.84
HA DLE A 3 2.67 3.45 -0.06
HB2 DLE A 3 1.88 5.35 -1.68
HB3 DLE A 3 2.05 6.39 -0.27
HG DLE A 3 4.39 5.53 0.01
HD11 DLE A 3 4.63 3.51 -1.05
HD12 DLE A 3 5.18 4.56 -2.36
HD13 DLE A 3 3.52 3.94 -2.35
HD21 DLE A 3 3.99 6.66 -2.76
HD22 DLE A 3 5.31 6.98 -1.63
HD23 DLE A 3 3.70 7.63 -1.31
N LEU A 4 -0.35 4.63 0.53
CA LEU A 4 -1.76 4.32 0.38
C LEU A 4 -2.01 2.86 0.82
N DGN A 5 -1.38 2.45 1.90
CA DGN A 5 -1.58 1.09 2.38
C DGN A 5 -0.84 0.09 1.48
O DGN A 5 -1.30 -1.01 1.27
CB DGN A 5 -1.05 0.97 3.81
CG DGN A 5 -2.14 1.35 4.81
CD DGN A 5 -3.34 0.39 4.68
OE1 DGN A 5 -4.46 0.76 4.95
NE2 DGN A 5 -3.15 -0.84 4.28
H DGN A 5 -0.80 3.06 2.38
HA DGN A 5 -2.64 0.86 2.38
HB2 DGN A 5 -0.73 -0.05 3.99
HB3 DGN A 5 -0.20 1.63 3.94
HG2 DGN A 5 -1.74 1.29 5.82
HG3 DGN A 5 -2.48 2.35 4.62
HE21 DGN A 5 -2.24 -1.15 4.06
HE22 DGN A 5 -3.91 -1.45 4.19
N DSN A 6 0.28 0.48 0.93
CA DSN A 6 1.02 -0.43 0.08
C DSN A 6 0.16 -0.84 -1.11
O DSN A 6 0.39 -1.87 -1.74
CB DSN A 6 2.30 0.27 -0.44
OG DSN A 6 3.26 0.32 0.60
H DSN A 6 0.63 1.38 1.12
HA DSN A 6 1.30 -1.31 0.65
HB2 DSN A 6 2.71 -0.28 -1.27
HB3 DSN A 6 2.05 1.27 -0.76
HG DSN A 6 4.05 -0.14 0.30
N DVA A 7 -0.83 -0.05 -1.44
CA DVA A 7 -1.69 -0.38 -2.56
CB DVA A 7 -2.41 0.87 -3.05
CG1 DVA A 7 -1.37 1.91 -3.48
CG2 DVA A 7 -3.30 0.53 -4.25
C DVA A 7 -2.71 -1.43 -2.11
O DVA A 7 -3.01 -2.36 -2.83
H DVA A 7 -0.99 0.76 -0.93
HA DVA A 7 -1.09 -0.79 -3.36
HB DVA A 7 -3.01 1.28 -2.25
HG11 DVA A 7 -0.82 2.26 -2.61
HG12 DVA A 7 -1.87 2.75 -3.94
HG13 DVA A 7 -0.68 1.47 -4.18
HG21 DVA A 7 -4.22 1.09 -4.18
HG22 DVA A 7 -3.53 -0.53 -4.24
HG23 DVA A 7 -2.79 0.79 -5.15
N DLE A 8 -3.26 -1.28 -0.94
CA DLE A 8 -4.25 -2.25 -0.46
CB DLE A 8 -4.87 -1.78 0.87
CG DLE A 8 -5.53 -0.40 0.69
CD1 DLE A 8 -7.05 -0.55 0.70
CD2 DLE A 8 -5.09 0.53 1.82
C DLE A 8 -3.56 -3.60 -0.25
O DLE A 8 -4.23 -4.63 -0.18
H DLE A 8 -3.00 -0.51 -0.38
HA DLE A 8 -5.02 -2.35 -1.20
HB2 DLE A 8 -4.12 -1.72 1.64
HB3 DLE A 8 -5.62 -2.50 1.17
HG DLE A 8 -5.22 0.03 -0.26
HD11 DLE A 8 -7.31 -1.43 1.28
HD12 DLE A 8 -7.41 -0.66 -0.31
HD13 DLE A 8 -7.49 0.33 1.15
HD21 DLE A 8 -4.35 1.23 1.46
HD22 DLE A 8 -4.66 -0.06 2.62
HD23 DLE A 8 -5.95 1.07 2.18
N DSN A 9 -2.26 -3.63 -0.13
CA DSN A 9 -1.57 -4.90 0.07
C DSN A 9 -1.23 -5.52 -1.29
O DSN A 9 -0.84 -6.67 -1.37
CB DSN A 9 -0.30 -4.69 0.90
OG DSN A 9 0.77 -4.31 0.04
H DSN A 9 -1.75 -2.80 -0.18
HA DSN A 9 -2.23 -5.57 0.60
HB2 DSN A 9 -0.04 -5.62 1.40
HB3 DSN A 9 -0.47 -3.90 1.63
N LEU A 10 -1.35 -4.77 -2.36
CA LEU A 10 -1.02 -5.34 -3.67
C LEU A 10 0.46 -5.06 -4.00
N VAL A 11 0.90 -3.82 -3.91
CA VAL A 11 2.30 -3.53 -4.17
C VAL A 11 3.10 -3.81 -2.90
N SER A 12 2.48 -3.61 -1.77
CA SER A 12 3.13 -3.87 -0.50
C SER A 12 2.07 -4.28 0.51
CA 6NA B . 3.16 9.26 3.02
C 6NA B . 2.05 8.22 3.00
O 6NA B . 1.82 7.57 2.01
CB 6NA B . 2.59 10.64 2.67
CG 6NA B . 1.65 11.11 3.77
CD 6NA B . 2.44 11.33 5.06
C6 6NA B . 1.71 12.34 5.95
HAC1 6NA B . 3.92 9.00 2.29
HAC2 6NA B . 3.60 9.30 4.00
HBC1 6NA B . 2.04 10.57 1.74
HBC2 6NA B . 3.40 11.35 2.56
HGC1 6NA B . 0.90 10.36 3.96
HGC2 6NA B . 1.17 12.03 3.48
HDC1 6NA B . 3.43 11.72 4.81
HDC2 6NA B . 2.56 10.40 5.59
H6C1 6NA B . 1.26 13.10 5.35
H6C2 6NA B . 2.41 12.79 6.63
H6C3 6NA B . 0.94 11.82 6.51
N LEU A 1 1.42 8.04 3.69
CA LEU A 1 0.46 7.09 4.21
C LEU A 1 0.98 5.66 4.00
N DGL A 2 2.28 5.50 3.89
CA DGL A 2 2.83 4.17 3.70
C DGL A 2 2.51 3.70 2.28
O DGL A 2 2.58 2.52 1.98
CB DGL A 2 4.36 4.21 3.88
CG DGL A 2 4.72 4.23 5.37
CD DGL A 2 6.12 4.83 5.55
OE1 DGL A 2 7.06 4.06 5.58
OE2 DGL A 2 6.22 6.04 5.63
H DGL A 2 2.87 6.27 3.95
HA DGL A 2 2.40 3.48 4.40
HB2 DGL A 2 4.80 3.34 3.41
HB3 DGL A 2 4.75 5.10 3.41
HG2 DGL A 2 4.01 4.83 5.92
HG3 DGL A 2 4.72 3.22 5.76
N DLE A 3 2.15 4.59 1.39
CA DLE A 3 1.83 4.19 0.03
CB DLE A 3 2.02 5.37 -0.93
CG DLE A 3 3.50 5.50 -1.29
CD1 DLE A 3 3.93 4.28 -2.10
CD2 DLE A 3 3.71 6.76 -2.12
C DLE A 3 0.38 3.71 -0.02
O DLE A 3 0.07 2.69 -0.60
H DLE A 3 2.10 5.53 1.65
HA DLE A 3 2.48 3.38 -0.26
HB2 DLE A 3 1.45 5.20 -1.82
HB3 DLE A 3 1.69 6.28 -0.46
HG DLE A 3 4.09 5.55 -0.39
HD11 DLE A 3 3.08 3.88 -2.64
HD12 DLE A 3 4.32 3.52 -1.43
HD13 DLE A 3 4.71 4.56 -2.80
HD21 DLE A 3 3.01 7.52 -1.81
HD22 DLE A 3 3.55 6.54 -3.17
HD23 DLE A 3 4.73 7.12 -1.98
N LEU A 4 -0.52 4.42 0.61
CA LEU A 4 -1.91 4.02 0.61
C LEU A 4 -2.04 2.64 1.27
N DGN A 5 -1.42 2.44 2.40
CA DGN A 5 -1.50 1.16 3.07
C DGN A 5 -0.80 0.08 2.22
O DGN A 5 -1.08 -1.09 2.33
CB DGN A 5 -0.83 1.24 4.44
CG DGN A 5 -1.86 1.63 5.51
CD DGN A 5 -2.95 0.56 5.60
OE1 DGN A 5 -4.08 0.87 5.94
NE2 DGN A 5 -2.68 -0.69 5.34
H DGN A 5 -0.91 3.17 2.81
HA DGN A 5 -2.54 0.88 3.19
HB2 DGN A 5 -0.40 0.28 4.69
HB3 DGN A 5 -0.04 1.97 4.42
HG2 DGN A 5 -1.36 1.72 6.46
HG3 DGN A 5 -2.31 2.57 5.24
HE21 DGN A 5 -1.78 -0.95 5.06
HE22 DGN A 5 -3.38 -1.37 5.39
N DSN A 6 0.13 0.48 1.39
CA DSN A 6 0.83 -0.50 0.58
C DSN A 6 0.02 -0.83 -0.68
O DSN A 6 0.07 -1.93 -1.19
CB DSN A 6 2.21 0.06 0.16
OG DSN A 6 3.09 0.01 1.28
H DSN A 6 0.35 1.43 1.32
HA DSN A 6 0.98 -1.40 1.15
HB2 DSN A 6 2.61 -0.53 -0.64
HB3 DSN A 6 2.09 1.08 -0.18
HG DSN A 6 3.82 -0.56 1.04
N DVA A 7 -0.73 0.12 -1.19
CA DVA A 7 -1.52 -0.15 -2.38
CB DVA A 7 -2.16 1.16 -2.88
CG1 DVA A 7 -1.06 2.10 -3.37
CG2 DVA A 7 -3.12 0.85 -4.03
C DVA A 7 -2.60 -1.17 -2.04
O DVA A 7 -3.02 -1.96 -2.87
H DVA A 7 -0.76 1.00 -0.77
HA DVA A 7 -0.88 -0.55 -3.15
HB DVA A 7 -2.70 1.62 -2.07
HG11 DVA A 7 -1.44 3.11 -3.39
HG12 DVA A 7 -0.76 1.80 -4.37
HG13 DVA A 7 -0.20 2.04 -2.71
HG21 DVA A 7 -3.14 1.69 -4.71
HG22 DVA A 7 -4.10 0.67 -3.64
HG23 DVA A 7 -2.78 -0.03 -4.57
N DLE A 8 -3.08 -1.17 -0.82
CA DLE A 8 -4.11 -2.13 -0.44
CB DLE A 8 -4.67 -1.82 0.96
CG DLE A 8 -5.27 -0.41 0.99
CD1 DLE A 8 -6.80 -0.51 0.81
CD2 DLE A 8 -4.95 0.25 2.32
C DLE A 8 -3.54 -3.54 -0.46
O DLE A 8 -4.26 -4.51 -0.55
H DLE A 8 -2.73 -0.53 -0.16
HA DLE A 8 -4.92 -2.07 -1.16
HB2 DLE A 8 -3.88 -1.90 1.69
HB3 DLE A 8 -5.44 -2.55 1.20
HG DLE A 8 -4.85 0.17 0.19
HD11 DLE A 8 -7.13 -1.47 1.17
HD12 DLE A 8 -7.04 -0.40 -0.24
HD13 DLE A 8 -7.26 0.27 1.38
HD21 DLE A 8 -4.55 -0.48 3.02
HD22 DLE A 8 -5.86 0.68 2.75
HD23 DLE A 8 -4.23 1.04 2.18
N DSN A 9 -2.23 -3.69 -0.36
CA DSN A 9 -1.64 -5.01 -0.37
C DSN A 9 -1.24 -5.39 -1.81
O DSN A 9 -0.79 -6.50 -2.04
CB DSN A 9 -0.43 -5.04 0.56
OG DSN A 9 0.73 -4.60 -0.13
H DSN A 9 -1.66 -2.89 -0.29
HA DSN A 9 -2.38 -5.72 -0.02
HB2 DSN A 9 -0.27 -6.07 0.90
HB3 DSN A 9 -0.60 -4.39 1.42
N LEU A 10 -1.42 -4.51 -2.77
CA LEU A 10 -1.05 -4.86 -4.14
C LEU A 10 0.45 -4.68 -4.34
N VAL A 11 1.04 -3.62 -3.84
CA VAL A 11 2.46 -3.44 -4.00
C VAL A 11 3.13 -4.00 -2.74
N SER A 12 2.62 -3.63 -1.60
CA SER A 12 3.14 -4.13 -0.35
C SER A 12 1.97 -4.63 0.49
CA 6NA B . 2.78 9.08 1.96
C 6NA B . 1.76 8.04 2.43
O 6NA B . 1.27 7.23 1.66
CB 6NA B . 2.58 9.35 0.46
CG 6NA B . 3.75 10.17 -0.07
CD 6NA B . 3.25 11.18 -1.09
C6 6NA B . 2.73 10.44 -2.33
HAC1 6NA B . 3.78 8.70 2.12
HAC2 6NA B . 2.63 10.00 2.51
HBC1 6NA B . 1.66 9.89 0.32
HBC2 6NA B . 2.52 8.40 -0.06
HGC1 6NA B . 4.47 9.50 -0.55
HGC2 6NA B . 4.22 10.69 0.75
HDC1 6NA B . 4.05 11.84 -1.39
HDC2 6NA B . 2.45 11.76 -0.66
H6C1 6NA B . 1.80 9.94 -2.08
H6C2 6NA B . 3.46 9.72 -2.65
H6C3 6NA B . 2.54 11.15 -3.13
N LEU A 1 1.16 7.84 4.16
CA LEU A 1 0.28 6.70 4.33
C LEU A 1 0.97 5.42 3.85
N DGL A 2 2.28 5.41 3.85
CA DGL A 2 3.01 4.23 3.42
C DGL A 2 2.57 3.81 2.01
O DGL A 2 2.74 2.68 1.61
CB DGL A 2 4.52 4.51 3.43
CG DGL A 2 4.87 5.61 2.41
CD DGL A 2 4.88 6.97 3.11
OE1 DGL A 2 5.57 7.85 2.62
OE2 DGL A 2 4.20 7.12 4.10
H DGL A 2 2.77 6.20 4.17
HA DGL A 2 2.80 3.42 4.10
HB2 DGL A 2 4.81 4.83 4.42
HB3 DGL A 2 5.05 3.61 3.18
HG2 DGL A 2 5.85 5.40 2.00
HG3 DGL A 2 4.14 5.61 1.62
N DLE A 3 2.01 4.72 1.24
CA DLE A 3 1.58 4.37 -0.10
CB DLE A 3 1.65 5.59 -1.03
CG DLE A 3 2.96 5.56 -1.83
CD1 DLE A 3 4.15 5.54 -0.86
CD2 DLE A 3 2.99 4.32 -2.72
C DLE A 3 0.14 3.84 -0.05
O DLE A 3 -0.16 2.79 -0.58
H DLE A 3 1.88 5.63 1.59
HA DLE A 3 2.22 3.60 -0.49
HB2 DLE A 3 0.82 5.57 -1.71
HB3 DLE A 3 1.61 6.50 -0.45
HG DLE A 3 3.03 6.44 -2.45
HD11 DLE A 3 5.07 5.56 -1.43
HD12 DLE A 3 4.12 4.64 -0.27
HD13 DLE A 3 4.11 6.41 -0.22
HD21 DLE A 3 1.98 4.04 -2.98
HD22 DLE A 3 3.47 3.50 -2.18
HD23 DLE A 3 3.56 4.53 -3.62
N LEU A 4 -0.75 4.56 0.58
CA LEU A 4 -2.13 4.12 0.67
C LEU A 4 -2.19 2.68 1.21
N DGN A 5 -1.24 2.33 2.05
CA DGN A 5 -1.24 0.99 2.61
C DGN A 5 -0.56 0.00 1.66
O DGN A 5 -1.08 -1.07 1.39
CB DGN A 5 -0.48 1.00 3.94
CG DGN A 5 -1.42 1.45 5.08
CD DGN A 5 -2.59 0.48 5.22
OE1 DGN A 5 -3.67 0.86 5.62
NE2 DGN A 5 -2.43 -0.79 4.91
H DGN A 5 -0.55 2.97 2.30
HA DGN A 5 -2.26 0.67 2.79
HB2 DGN A 5 -0.12 0.01 4.17
HB3 DGN A 5 0.35 1.70 3.88
HG2 DGN A 5 -0.87 1.49 6.00
HG3 DGN A 5 -1.81 2.44 4.85
HE21 DGN A 5 -1.57 -1.11 4.57
HE22 DGN A 5 -3.18 -1.41 5.01
N DSN A 6 0.59 0.33 1.15
CA DSN A 6 1.28 -0.57 0.25
C DSN A 6 0.41 -0.84 -0.98
O DSN A 6 0.48 -1.91 -1.58
CB DSN A 6 2.61 0.05 -0.20
OG DSN A 6 3.56 -0.05 0.85
H DSN A 6 0.99 1.20 1.38
HA DSN A 6 1.48 -1.50 0.76
HB2 DSN A 6 2.99 -0.47 -1.07
HB3 DSN A 6 2.46 1.09 -0.46
HG DSN A 6 3.29 0.54 1.56
N DVA A 7 -0.40 0.10 -1.36
CA DVA A 7 -1.25 -0.12 -2.52
CB DVA A 7 -1.79 1.23 -3.01
CG1 DVA A 7 -0.61 2.19 -3.27
CG2 DVA A 7 -2.56 1.02 -4.31
C DVA A 7 -2.42 -1.02 -2.12
O DVA A 7 -2.88 -1.83 -2.91
H DVA A 7 -0.44 0.93 -0.87
HA DVA A 7 -0.68 -0.58 -3.30
HB DVA A 7 -2.44 1.66 -2.27
HG11 DVA A 7 -0.53 2.37 -4.34
HG12 DVA A 7 0.29 1.75 -2.91
HG13 DVA A 7 -0.80 3.12 -2.76
HG21 DVA A 7 -2.19 0.14 -4.82
HG22 DVA A 7 -2.44 1.88 -4.96
HG23 DVA A 7 -3.62 0.88 -4.09
N DLE A 8 -2.90 -0.89 -0.92
CA DLE A 8 -4.02 -1.72 -0.49
CB DLE A 8 -4.55 -1.21 0.86
CG DLE A 8 -5.65 -2.14 1.36
CD1 DLE A 8 -5.06 -3.13 2.37
CD2 DLE A 8 -6.75 -1.31 2.04
C DLE A 8 -3.56 -3.17 -0.34
O DLE A 8 -4.36 -4.09 -0.38
H DLE A 8 -2.52 -0.22 -0.31
HA DLE A 8 -4.81 -1.66 -1.22
HB2 DLE A 8 -4.95 -0.21 0.74
HB3 DLE A 8 -3.75 -1.18 1.58
HG DLE A 8 -6.07 -2.68 0.54
HD11 DLE A 8 -4.28 -2.65 2.92
HD12 DLE A 8 -4.67 -3.98 1.85
HD13 DLE A 8 -5.84 -3.46 3.06
HD21 DLE A 8 -6.31 -0.60 2.71
HD22 DLE A 8 -7.40 -1.97 2.61
HD23 DLE A 8 -7.33 -0.80 1.29
N DSN A 9 -2.28 -3.40 -0.20
CA DSN A 9 -1.80 -4.77 -0.06
C DSN A 9 -1.47 -5.35 -1.45
O DSN A 9 -1.23 -6.53 -1.59
CB DSN A 9 -0.54 -4.80 0.83
OG DSN A 9 0.60 -4.50 0.05
H DSN A 9 -1.65 -2.65 -0.17
HA DSN A 9 -2.57 -5.37 0.40
HB2 DSN A 9 -0.44 -5.79 1.25
HB3 DSN A 9 -0.65 -4.06 1.62
N LEU A 10 -1.46 -4.53 -2.47
CA LEU A 10 -1.15 -5.05 -3.81
C LEU A 10 0.37 -4.98 -4.05
N VAL A 11 0.99 -3.84 -3.84
CA VAL A 11 2.42 -3.75 -4.04
C VAL A 11 3.10 -4.19 -2.74
N SER A 12 2.49 -3.88 -1.63
CA SER A 12 3.04 -4.27 -0.35
C SER A 12 1.87 -4.63 0.58
CA 6NA B . 2.52 9.38 2.85
C 6NA B . 1.60 8.17 2.97
O 6NA B . 1.29 7.52 1.98
CB 6NA B . 2.43 9.97 1.45
CG 6NA B . 1.24 10.93 1.39
CD 6NA B . 1.41 11.88 0.20
C6 6NA B . 2.09 13.16 0.65
HAC1 6NA B . 3.55 9.08 3.05
HAC2 6NA B . 2.23 10.12 3.59
HBC1 6NA B . 2.28 9.17 0.74
HBC2 6NA B . 3.34 10.51 1.22
HGC1 6NA B . 1.19 11.51 2.29
HGC2 6NA B . 0.33 10.37 1.27
HDC1 6NA B . 0.44 12.11 -0.21
HDC2 6NA B . 2.02 11.39 -0.56
H6C1 6NA B . 1.72 14.00 0.09
H6C2 6NA B . 3.16 13.08 0.51
H6C3 6NA B . 1.89 13.33 1.71
#